data_1P0N
#
_entry.id   1P0N
#
_cell.length_a   115.027
_cell.length_b   115.027
_cell.length_c   139.939
_cell.angle_alpha   90.00
_cell.angle_beta   90.00
_cell.angle_gamma   90.00
#
_symmetry.space_group_name_H-M   'I 4'
#
loop_
_entity.id
_entity.type
_entity.pdbx_description
1 polymer 'Isopentenyl-diphosphate delta-isomerase'
2 non-polymer 'FLAVIN MONONUCLEOTIDE'
#
_entity_poly.entity_id   1
_entity_poly.type   'polypeptide(L)'
_entity_poly.pdbx_seq_one_letter_code
;MTRAERKRQHINHALSIGQKRETGLDDITFVHVSLPDLALEQVDISTKIGELSSSSPIFINAMTGGGGKLTYEINKSLAR
AASQAGIPLAVGSQMSALKDPSERLSYEIVRKENPNGLIFANLGSEATAAQAKEAVEMIGANALQIHLNVIQEIVMPEGD
RSFSGALKRIEQICSRVSVPVIVKEVGFGMSKASAGKLYEAGAAAVDIGGYGGTNFSKIENLRRQRQISFFNSWGISTAA
SLAEIRSEFPASTMIASGGLQDALDVAKAIALGASCTGMAGHFLKALTDSGEEGLLEEIQLILEELKLIMTVLGARTIAD
LQKAPLVIKGETHHWLTERGVNTSSYSVR
;
_entity_poly.pdbx_strand_id   A,B
#
# COMPACT_ATOMS: atom_id res chain seq x y z
N GLU A 22 -10.37 -0.61 16.04
CA GLU A 22 -11.35 0.51 16.18
C GLU A 22 -10.92 1.62 17.13
N THR A 23 -11.00 2.84 16.62
CA THR A 23 -10.64 4.06 17.35
C THR A 23 -11.70 4.49 18.36
N GLY A 24 -12.92 3.98 18.24
CA GLY A 24 -13.98 4.36 19.15
C GLY A 24 -14.68 5.64 18.72
N LEU A 25 -14.17 6.26 17.66
CA LEU A 25 -14.74 7.52 17.17
C LEU A 25 -16.15 7.36 16.61
N ASP A 26 -16.52 6.13 16.26
CA ASP A 26 -17.86 5.86 15.74
C ASP A 26 -18.89 6.01 16.86
N ASP A 27 -18.40 6.00 18.11
CA ASP A 27 -19.25 6.13 19.30
C ASP A 27 -19.52 7.61 19.57
N ILE A 28 -18.98 8.46 18.71
CA ILE A 28 -19.14 9.90 18.83
C ILE A 28 -19.97 10.44 17.68
N THR A 29 -21.07 11.09 18.05
CA THR A 29 -21.97 11.69 17.09
C THR A 29 -22.12 13.14 17.45
N PHE A 30 -21.84 14.02 16.49
CA PHE A 30 -21.97 15.46 16.72
C PHE A 30 -23.46 15.83 16.84
N VAL A 31 -23.78 16.81 17.67
CA VAL A 31 -25.16 17.31 17.83
C VAL A 31 -25.33 18.24 16.61
N HIS A 32 -26.34 17.98 15.77
CA HIS A 32 -26.56 18.78 14.54
C HIS A 32 -26.91 20.26 14.78
N VAL A 33 -26.43 21.12 13.90
CA VAL A 33 -26.69 22.55 14.02
C VAL A 33 -27.49 23.01 12.79
N SER A 34 -28.71 23.49 13.04
CA SER A 34 -29.63 23.90 11.98
C SER A 34 -29.27 25.23 11.33
N LEU A 35 -28.67 26.10 12.12
CA LEU A 35 -28.28 27.41 11.66
C LEU A 35 -26.83 27.71 12.03
N PRO A 36 -25.87 27.08 11.34
CA PRO A 36 -24.45 27.31 11.63
C PRO A 36 -23.99 28.77 11.53
N ASP A 37 -24.54 29.54 10.58
CA ASP A 37 -24.19 30.97 10.43
C ASP A 37 -22.69 31.17 10.18
N LEU A 38 -22.24 30.60 9.06
CA LEU A 38 -20.85 30.62 8.68
C LEU A 38 -20.68 30.29 7.21
N ALA A 39 -19.60 30.82 6.66
CA ALA A 39 -19.23 30.61 5.26
C ALA A 39 -17.88 29.90 5.28
N LEU A 40 -17.71 28.92 4.40
CA LEU A 40 -16.47 28.17 4.30
C LEU A 40 -15.23 29.07 4.36
N GLU A 41 -15.37 30.31 3.91
CA GLU A 41 -14.27 31.28 3.87
C GLU A 41 -13.90 31.82 5.25
N GLN A 42 -14.83 31.78 6.19
CA GLN A 42 -14.52 32.31 7.51
C GLN A 42 -13.91 31.26 8.44
N VAL A 43 -13.85 30.00 7.97
CA VAL A 43 -13.31 28.91 8.78
C VAL A 43 -11.81 28.93 8.93
N ASP A 44 -11.35 28.85 10.16
CA ASP A 44 -9.93 28.84 10.47
C ASP A 44 -9.50 27.49 11.04
N ILE A 45 -8.66 26.77 10.33
CA ILE A 45 -8.20 25.48 10.82
C ILE A 45 -6.82 25.51 11.47
N SER A 46 -6.30 26.69 11.77
CA SER A 46 -4.99 26.73 12.40
C SER A 46 -5.09 26.26 13.84
N THR A 47 -4.01 25.66 14.35
CA THR A 47 -4.02 25.14 15.71
C THR A 47 -2.71 25.42 16.45
N LYS A 48 -2.53 24.80 17.61
CA LYS A 48 -1.31 25.00 18.37
C LYS A 48 -0.82 23.75 19.11
N ILE A 49 0.28 23.16 18.63
CA ILE A 49 0.83 21.96 19.24
C ILE A 49 1.80 22.43 20.32
N GLY A 50 1.40 22.35 21.57
CA GLY A 50 2.27 22.81 22.63
C GLY A 50 2.53 24.29 22.36
N GLU A 51 3.79 24.70 22.29
CA GLU A 51 4.09 26.10 22.02
C GLU A 51 4.21 26.39 20.53
N LEU A 52 4.24 25.32 19.73
CA LEU A 52 4.34 25.40 18.27
C LEU A 52 3.04 25.82 17.62
N SER A 53 3.16 26.64 16.58
CA SER A 53 1.98 27.09 15.88
C SER A 53 1.92 26.38 14.56
N SER A 54 0.72 26.04 14.13
CA SER A 54 0.55 25.36 12.86
C SER A 54 -0.70 25.81 12.13
N SER A 55 -0.58 26.01 10.82
CA SER A 55 -1.71 26.45 10.03
C SER A 55 -2.60 25.27 9.65
N SER A 56 -2.26 24.09 10.14
CA SER A 56 -3.00 22.88 9.83
C SER A 56 -3.13 21.98 11.04
N PRO A 57 -4.33 21.39 11.24
CA PRO A 57 -4.59 20.50 12.38
C PRO A 57 -4.23 19.08 11.98
N ILE A 58 -3.71 18.92 10.76
CA ILE A 58 -3.34 17.61 10.25
C ILE A 58 -1.90 17.60 9.79
N PHE A 59 -1.20 16.48 9.99
CA PHE A 59 0.21 16.40 9.55
C PHE A 59 0.56 15.02 9.04
N ILE A 60 1.57 14.95 8.16
CA ILE A 60 2.02 13.69 7.58
C ILE A 60 2.89 12.94 8.58
N ASN A 61 2.73 11.64 8.60
CA ASN A 61 3.51 10.82 9.51
C ASN A 61 4.39 9.88 8.71
N ALA A 62 5.53 10.38 8.23
CA ALA A 62 6.43 9.56 7.41
C ALA A 62 6.67 8.14 8.00
N MET A 63 7.12 7.24 7.14
CA MET A 63 7.35 5.87 7.56
C MET A 63 8.80 5.51 7.20
N THR A 64 9.54 5.04 8.21
CA THR A 64 10.94 4.67 8.05
C THR A 64 11.21 3.89 6.77
N GLY A 65 10.31 2.96 6.44
CA GLY A 65 10.49 2.17 5.24
C GLY A 65 11.66 1.19 5.31
N GLY A 66 12.39 1.05 4.20
CA GLY A 66 13.52 0.15 4.18
C GLY A 66 14.80 0.83 3.75
N GLY A 67 15.10 1.98 4.36
CA GLY A 67 16.30 2.69 4.02
C GLY A 67 16.54 2.81 2.52
N GLY A 68 17.81 2.84 2.13
CA GLY A 68 18.13 2.95 0.73
C GLY A 68 17.63 4.25 0.12
N LYS A 69 17.84 4.40 -1.18
CA LYS A 69 17.43 5.59 -1.92
C LYS A 69 15.91 5.71 -2.10
N LEU A 70 15.19 4.64 -1.78
CA LEU A 70 13.74 4.66 -1.89
C LEU A 70 13.16 5.53 -0.76
N THR A 71 13.78 5.45 0.42
CA THR A 71 13.34 6.25 1.56
C THR A 71 13.70 7.71 1.27
N TYR A 72 14.95 7.91 0.85
CA TYR A 72 15.44 9.24 0.50
C TYR A 72 14.44 9.93 -0.42
N GLU A 73 13.93 9.21 -1.41
CA GLU A 73 12.99 9.80 -2.37
C GLU A 73 11.58 9.97 -1.83
N ILE A 74 11.15 9.00 -1.04
CA ILE A 74 9.83 9.09 -0.46
C ILE A 74 9.85 10.28 0.50
N ASN A 75 10.89 10.33 1.33
CA ASN A 75 11.03 11.44 2.27
C ASN A 75 11.07 12.78 1.54
N LYS A 76 11.91 12.86 0.54
CA LYS A 76 12.01 14.07 -0.25
C LYS A 76 10.64 14.47 -0.79
N SER A 77 9.89 13.50 -1.32
CA SER A 77 8.57 13.80 -1.86
C SER A 77 7.61 14.26 -0.77
N LEU A 78 7.58 13.54 0.36
CA LEU A 78 6.72 13.91 1.47
C LEU A 78 7.04 15.32 1.95
N ALA A 79 8.34 15.62 1.99
CA ALA A 79 8.81 16.94 2.41
C ALA A 79 8.32 18.02 1.44
N ARG A 80 8.47 17.78 0.14
CA ARG A 80 8.02 18.76 -0.85
C ARG A 80 6.52 19.00 -0.74
N ALA A 81 5.75 17.93 -0.81
CA ALA A 81 4.29 18.04 -0.71
C ALA A 81 3.96 18.85 0.53
N ALA A 82 4.43 18.33 1.65
CA ALA A 82 4.19 18.95 2.95
C ALA A 82 4.46 20.44 2.89
N SER A 83 5.63 20.77 2.38
CA SER A 83 6.05 22.14 2.26
C SER A 83 5.03 22.97 1.48
N GLN A 84 4.62 22.45 0.34
CA GLN A 84 3.67 23.16 -0.48
C GLN A 84 2.29 23.23 0.16
N ALA A 85 1.91 22.17 0.89
CA ALA A 85 0.60 22.12 1.53
C ALA A 85 0.49 22.94 2.81
N GLY A 86 1.63 23.27 3.41
CA GLY A 86 1.62 24.03 4.64
C GLY A 86 1.39 23.18 5.88
N ILE A 87 1.38 21.85 5.71
CA ILE A 87 1.16 20.98 6.86
C ILE A 87 2.45 20.37 7.38
N PRO A 88 2.57 20.24 8.71
CA PRO A 88 3.82 19.67 9.28
C PRO A 88 4.11 18.21 8.92
N LEU A 89 5.38 17.85 8.91
CA LEU A 89 5.81 16.48 8.55
C LEU A 89 6.62 15.83 9.66
N ALA A 90 6.28 14.59 9.99
CA ALA A 90 7.03 13.89 11.02
C ALA A 90 7.81 12.79 10.32
N VAL A 91 9.13 12.69 10.54
CA VAL A 91 9.91 11.64 9.86
C VAL A 91 9.87 10.31 10.62
N GLY A 92 10.24 9.23 9.94
CA GLY A 92 10.27 7.93 10.61
C GLY A 92 11.45 7.89 11.56
N SER A 93 11.62 6.79 12.29
CA SER A 93 12.74 6.66 13.24
C SER A 93 14.09 7.00 12.65
N GLN A 94 14.89 7.74 13.42
CA GLN A 94 16.22 8.16 12.98
C GLN A 94 17.37 7.38 13.60
N MET A 95 17.05 6.36 14.38
CA MET A 95 18.04 5.55 15.07
C MET A 95 19.10 5.00 14.11
N SER A 96 18.70 4.70 12.89
CA SER A 96 19.63 4.18 11.92
C SER A 96 20.54 5.26 11.37
N ALA A 97 19.99 6.44 11.10
CA ALA A 97 20.78 7.55 10.57
C ALA A 97 21.76 8.04 11.61
N LEU A 98 21.45 7.83 12.88
CA LEU A 98 22.32 8.24 13.96
C LEU A 98 23.68 7.56 13.89
N LYS A 99 23.69 6.39 13.25
CA LYS A 99 24.88 5.54 13.08
C LYS A 99 25.40 5.48 11.65
N ASP A 100 24.51 5.53 10.66
CA ASP A 100 24.91 5.46 9.25
C ASP A 100 24.87 6.80 8.52
N PRO A 101 26.01 7.25 7.98
CA PRO A 101 26.08 8.53 7.25
C PRO A 101 25.22 8.61 6.00
N SER A 102 25.23 7.54 5.23
CA SER A 102 24.49 7.49 4.00
C SER A 102 23.00 7.67 4.29
N GLU A 103 22.51 6.93 5.27
CA GLU A 103 21.10 7.01 5.58
C GLU A 103 20.74 8.41 6.08
N ARG A 104 21.63 9.00 6.88
CA ARG A 104 21.42 10.35 7.41
C ARG A 104 20.90 11.33 6.36
N LEU A 105 21.43 11.25 5.14
CA LEU A 105 21.01 12.15 4.05
C LEU A 105 19.54 12.03 3.72
N SER A 106 18.97 10.86 4.02
CA SER A 106 17.55 10.57 3.76
C SER A 106 16.63 11.36 4.69
N TYR A 107 17.23 12.05 5.66
CA TYR A 107 16.46 12.85 6.61
C TYR A 107 16.84 14.31 6.47
N GLU A 108 18.12 14.57 6.27
CA GLU A 108 18.59 15.95 6.11
C GLU A 108 17.87 16.64 4.95
N ILE A 109 17.50 15.83 3.96
CA ILE A 109 16.82 16.27 2.74
C ILE A 109 15.44 16.85 3.07
N VAL A 110 14.83 16.32 4.12
CA VAL A 110 13.53 16.79 4.54
C VAL A 110 13.58 18.27 4.82
N ARG A 111 14.58 18.72 5.57
CA ARG A 111 14.71 20.13 5.90
C ARG A 111 15.24 20.93 4.71
N LYS A 112 16.05 20.29 3.87
CA LYS A 112 16.61 20.92 2.68
C LYS A 112 15.52 21.27 1.69
N GLU A 113 14.47 20.47 1.67
CA GLU A 113 13.38 20.71 0.74
C GLU A 113 12.25 21.49 1.37
N ASN A 114 12.16 21.41 2.69
CA ASN A 114 11.13 22.12 3.44
C ASN A 114 11.80 22.97 4.48
N PRO A 115 12.41 24.10 4.08
CA PRO A 115 13.10 25.02 5.00
C PRO A 115 12.25 25.86 5.94
N ASN A 116 10.96 26.03 5.64
CA ASN A 116 10.15 26.87 6.52
C ASN A 116 9.00 26.18 7.24
N GLY A 117 8.85 24.88 7.00
CA GLY A 117 7.77 24.16 7.62
C GLY A 117 8.12 23.42 8.90
N LEU A 118 7.09 23.03 9.64
CA LEU A 118 7.26 22.30 10.87
C LEU A 118 7.67 20.88 10.54
N ILE A 119 8.67 20.38 11.25
CA ILE A 119 9.14 19.02 11.06
C ILE A 119 9.41 18.40 12.43
N PHE A 120 8.94 17.17 12.64
CA PHE A 120 9.16 16.47 13.90
C PHE A 120 10.17 15.35 13.67
N ALA A 121 11.15 15.26 14.57
CA ALA A 121 12.17 14.22 14.50
C ALA A 121 11.53 13.01 15.21
N ASN A 122 12.16 11.84 15.06
CA ASN A 122 11.61 10.62 15.62
C ASN A 122 12.62 9.62 16.15
N LEU A 123 12.36 9.12 17.36
CA LEU A 123 13.21 8.12 18.03
C LEU A 123 12.37 7.26 19.00
N GLY A 124 12.91 6.09 19.33
CA GLY A 124 12.22 5.19 20.24
C GLY A 124 12.45 5.62 21.66
N SER A 125 11.65 5.10 22.57
CA SER A 125 11.75 5.45 23.97
C SER A 125 13.05 4.93 24.60
N GLU A 126 13.84 4.17 23.85
CA GLU A 126 15.10 3.65 24.37
C GLU A 126 16.21 4.69 24.14
N ALA A 127 16.03 5.51 23.11
CA ALA A 127 16.99 6.57 22.76
C ALA A 127 17.50 7.31 23.98
N THR A 128 18.74 7.80 23.90
CA THR A 128 19.39 8.57 24.98
C THR A 128 19.30 10.07 24.69
N ALA A 129 19.29 10.89 25.74
CA ALA A 129 19.23 12.33 25.52
C ALA A 129 20.17 12.80 24.39
N ALA A 130 21.39 12.27 24.35
CA ALA A 130 22.36 12.66 23.31
C ALA A 130 21.83 12.33 21.93
N GLN A 131 21.28 11.13 21.81
CA GLN A 131 20.71 10.72 20.56
C GLN A 131 19.55 11.63 20.18
N ALA A 132 18.69 11.93 21.17
CA ALA A 132 17.52 12.78 20.94
C ALA A 132 17.95 14.12 20.37
N LYS A 133 18.93 14.72 21.02
CA LYS A 133 19.44 16.01 20.60
C LYS A 133 20.04 15.93 19.20
N GLU A 134 20.82 14.89 18.97
CA GLU A 134 21.47 14.71 17.69
C GLU A 134 20.44 14.51 16.57
N ALA A 135 19.37 13.77 16.85
CA ALA A 135 18.32 13.53 15.86
C ALA A 135 17.65 14.86 15.52
N VAL A 136 17.38 15.67 16.53
CA VAL A 136 16.78 16.99 16.32
C VAL A 136 17.65 17.91 15.46
N GLU A 137 18.96 17.94 15.74
CA GLU A 137 19.86 18.78 14.97
C GLU A 137 20.00 18.29 13.52
N MET A 138 19.87 16.98 13.30
CA MET A 138 19.99 16.43 11.95
C MET A 138 19.03 17.07 10.95
N ILE A 139 17.80 17.28 11.36
CA ILE A 139 16.82 17.85 10.45
C ILE A 139 16.33 19.23 10.85
N GLY A 140 16.93 19.78 11.90
CA GLY A 140 16.52 21.08 12.37
C GLY A 140 15.07 20.98 12.78
N ALA A 141 14.75 19.95 13.56
CA ALA A 141 13.39 19.70 14.03
C ALA A 141 12.71 20.81 14.86
N ASN A 142 11.38 20.95 14.73
CA ASN A 142 10.63 21.95 15.50
C ASN A 142 9.99 21.31 16.72
N ALA A 143 10.06 19.98 16.76
CA ALA A 143 9.52 19.18 17.86
C ALA A 143 10.12 17.79 17.66
N LEU A 144 10.08 16.98 18.72
CA LEU A 144 10.63 15.61 18.72
C LEU A 144 9.62 14.57 19.21
N GLN A 145 9.47 13.50 18.46
CA GLN A 145 8.55 12.44 18.85
C GLN A 145 9.29 11.28 19.46
N ILE A 146 8.78 10.80 20.58
CA ILE A 146 9.36 9.64 21.25
C ILE A 146 8.23 8.63 21.33
N HIS A 147 8.38 7.51 20.62
CA HIS A 147 7.35 6.47 20.63
C HIS A 147 7.57 5.39 21.69
N LEU A 148 6.48 5.01 22.34
CA LEU A 148 6.46 3.99 23.38
C LEU A 148 5.78 2.74 22.87
N ASN A 149 6.02 1.64 23.57
CA ASN A 149 5.41 0.34 23.29
C ASN A 149 6.17 -0.71 24.09
N VAL A 150 6.24 -0.53 25.41
CA VAL A 150 6.94 -1.47 26.25
C VAL A 150 6.38 -2.90 26.07
N ILE A 151 5.17 -2.96 25.50
CA ILE A 151 4.46 -4.22 25.24
C ILE A 151 5.21 -5.08 24.20
N GLN A 152 5.62 -4.46 23.11
CA GLN A 152 6.34 -5.21 22.09
C GLN A 152 7.75 -5.56 22.57
N GLU A 153 8.32 -4.73 23.43
CA GLU A 153 9.67 -4.97 23.96
C GLU A 153 9.66 -6.06 25.04
N ILE A 154 8.60 -6.88 25.02
CA ILE A 154 8.45 -7.97 25.98
C ILE A 154 7.62 -9.12 25.39
N PHE A 163 11.41 -1.19 29.28
CA PHE A 163 11.52 -1.68 30.65
C PHE A 163 11.71 -0.54 31.65
N SER A 164 12.40 -0.83 32.76
CA SER A 164 12.65 0.16 33.80
C SER A 164 13.42 1.37 33.22
N GLY A 165 13.27 2.54 33.83
CA GLY A 165 13.98 3.73 33.37
C GLY A 165 13.29 4.53 32.27
N ALA A 166 12.56 3.83 31.41
CA ALA A 166 11.83 4.43 30.31
C ALA A 166 11.37 5.87 30.62
N LEU A 167 10.56 6.04 31.66
CA LEU A 167 10.07 7.36 32.03
C LEU A 167 11.19 8.33 32.34
N LYS A 168 12.17 7.87 33.12
CA LYS A 168 13.30 8.73 33.48
C LYS A 168 14.13 9.11 32.27
N ARG A 169 14.15 8.24 31.27
CA ARG A 169 14.91 8.47 30.07
C ARG A 169 14.16 9.50 29.25
N ILE A 170 12.83 9.44 29.29
CA ILE A 170 12.00 10.38 28.56
C ILE A 170 12.22 11.74 29.21
N GLU A 171 12.18 11.78 30.54
CA GLU A 171 12.39 13.02 31.26
C GLU A 171 13.68 13.73 30.80
N GLN A 172 14.81 13.02 30.85
CA GLN A 172 16.07 13.61 30.43
C GLN A 172 16.01 14.15 29.02
N ILE A 173 15.43 13.36 28.11
CA ILE A 173 15.29 13.75 26.72
C ILE A 173 14.57 15.09 26.63
N CYS A 174 13.49 15.25 27.39
CA CYS A 174 12.75 16.51 27.36
C CYS A 174 13.60 17.66 27.89
N SER A 175 14.41 17.36 28.90
CA SER A 175 15.28 18.36 29.49
C SER A 175 16.42 18.72 28.56
N ARG A 176 17.02 17.69 27.95
CA ARG A 176 18.14 17.88 27.02
C ARG A 176 17.75 18.63 25.76
N VAL A 177 16.58 18.34 25.19
CA VAL A 177 16.19 19.04 23.98
C VAL A 177 15.35 20.28 24.33
N SER A 178 15.54 21.35 23.55
CA SER A 178 14.85 22.61 23.74
C SER A 178 13.48 22.55 23.11
N VAL A 179 13.37 21.94 21.95
CA VAL A 179 12.09 21.85 21.26
C VAL A 179 11.09 20.95 22.01
N PRO A 180 9.77 21.15 21.79
CA PRO A 180 8.76 20.32 22.46
C PRO A 180 8.92 18.87 22.08
N VAL A 181 8.67 17.99 23.05
CA VAL A 181 8.73 16.55 22.91
C VAL A 181 7.31 15.99 22.99
N ILE A 182 6.95 15.22 21.98
CA ILE A 182 5.65 14.62 21.90
C ILE A 182 5.85 13.14 22.12
N VAL A 183 5.36 12.57 23.21
CA VAL A 183 5.50 11.12 23.47
C VAL A 183 4.33 10.41 22.80
N LYS A 184 4.65 9.57 21.83
CA LYS A 184 3.64 8.86 21.06
C LYS A 184 3.40 7.42 21.50
N GLU A 185 2.17 7.09 21.89
CA GLU A 185 1.84 5.73 22.29
C GLU A 185 1.41 5.02 21.01
N VAL A 186 1.75 3.76 20.87
CA VAL A 186 1.37 3.07 19.64
C VAL A 186 0.34 1.92 19.77
N GLY A 187 -0.87 2.16 19.27
CA GLY A 187 -1.93 1.16 19.27
C GLY A 187 -2.69 0.74 20.53
N PHE A 188 -2.07 0.78 21.71
CA PHE A 188 -2.78 0.37 22.92
C PHE A 188 -3.43 1.47 23.73
N GLY A 189 -3.39 2.69 23.23
CA GLY A 189 -4.01 3.80 23.94
C GLY A 189 -3.21 4.34 25.11
N MET A 190 -3.77 5.28 25.84
CA MET A 190 -3.07 5.89 26.96
C MET A 190 -4.08 6.41 28.00
N SER A 191 -3.85 6.08 29.27
CA SER A 191 -4.72 6.49 30.37
C SER A 191 -4.35 7.85 30.92
N LYS A 192 -5.27 8.44 31.68
CA LYS A 192 -4.97 9.74 32.25
C LYS A 192 -3.75 9.69 33.14
N ALA A 193 -3.53 8.54 33.78
CA ALA A 193 -2.40 8.38 34.67
C ALA A 193 -1.07 8.44 33.92
N SER A 194 -0.94 7.67 32.83
CA SER A 194 0.27 7.64 32.04
C SER A 194 0.52 9.01 31.43
N ALA A 195 -0.53 9.63 30.88
CA ALA A 195 -0.38 10.96 30.28
C ALA A 195 0.19 11.94 31.32
N GLY A 196 -0.35 11.86 32.53
CA GLY A 196 0.06 12.73 33.60
C GLY A 196 1.51 12.54 33.96
N LYS A 197 1.96 11.30 33.89
CA LYS A 197 3.34 11.03 34.21
C LYS A 197 4.23 11.65 33.14
N LEU A 198 3.85 11.50 31.87
CA LEU A 198 4.65 12.04 30.77
C LEU A 198 4.69 13.56 30.83
N TYR A 199 3.57 14.15 31.22
CA TYR A 199 3.49 15.59 31.35
C TYR A 199 4.43 16.08 32.46
N GLU A 200 4.44 15.39 33.61
CA GLU A 200 5.34 15.77 34.70
C GLU A 200 6.79 15.60 34.29
N ALA A 201 7.03 14.67 33.39
CA ALA A 201 8.36 14.41 32.91
C ALA A 201 8.82 15.54 32.01
N GLY A 202 7.86 16.33 31.49
CA GLY A 202 8.20 17.45 30.64
C GLY A 202 7.74 17.38 29.20
N ALA A 203 7.00 16.34 28.87
CA ALA A 203 6.50 16.16 27.52
C ALA A 203 5.56 17.30 27.19
N ALA A 204 5.76 17.91 26.03
CA ALA A 204 4.91 19.00 25.58
C ALA A 204 3.56 18.48 25.19
N ALA A 205 3.48 17.24 24.74
CA ALA A 205 2.21 16.70 24.32
C ALA A 205 2.30 15.19 24.24
N VAL A 206 1.15 14.53 24.19
CA VAL A 206 1.15 13.09 24.04
C VAL A 206 0.35 12.74 22.79
N ASP A 207 0.89 11.81 22.01
CA ASP A 207 0.25 11.40 20.75
C ASP A 207 -0.42 10.03 20.94
N ILE A 208 -1.75 10.07 21.03
CA ILE A 208 -2.59 8.89 21.24
C ILE A 208 -2.86 8.11 19.95
N GLY A 209 -2.42 6.85 19.97
CA GLY A 209 -2.60 6.00 18.81
C GLY A 209 -3.46 4.76 19.03
N GLY A 210 -4.09 4.62 20.20
CA GLY A 210 -4.92 3.44 20.45
C GLY A 210 -6.12 3.26 19.52
N ARG A 226 2.73 -16.83 20.77
CA ARG A 226 1.70 -17.54 21.52
C ARG A 226 1.11 -16.66 22.64
N GLN A 227 1.88 -15.65 23.04
CA GLN A 227 1.49 -14.70 24.08
C GLN A 227 0.70 -13.54 23.50
N ILE A 228 0.91 -13.26 22.21
CA ILE A 228 0.22 -12.17 21.53
C ILE A 228 -1.28 -12.27 21.73
N SER A 229 -1.76 -13.49 21.99
CA SER A 229 -3.18 -13.70 22.20
C SER A 229 -3.70 -12.94 23.43
N PHE A 230 -2.81 -12.65 24.38
CA PHE A 230 -3.15 -11.94 25.62
C PHE A 230 -3.55 -10.50 25.37
N PHE A 231 -3.06 -9.94 24.27
CA PHE A 231 -3.35 -8.56 23.99
C PHE A 231 -4.32 -8.34 22.85
N ASN A 232 -5.22 -9.29 22.61
CA ASN A 232 -6.21 -9.16 21.55
C ASN A 232 -7.26 -8.11 21.89
N SER A 233 -7.65 -8.03 23.16
CA SER A 233 -8.64 -7.01 23.52
C SER A 233 -8.02 -6.07 24.55
N TRP A 234 -6.72 -5.84 24.42
CA TRP A 234 -5.97 -5.01 25.36
C TRP A 234 -5.86 -3.54 24.97
N GLY A 235 -6.05 -2.63 25.92
CA GLY A 235 -5.89 -1.25 25.54
C GLY A 235 -7.04 -0.33 25.80
N ILE A 236 -6.90 0.89 25.30
CA ILE A 236 -7.87 1.95 25.45
C ILE A 236 -8.00 2.56 24.05
N SER A 237 -9.24 2.75 23.60
CA SER A 237 -9.44 3.30 22.27
C SER A 237 -8.95 4.74 22.17
N THR A 238 -8.70 5.19 20.95
CA THR A 238 -8.25 6.56 20.76
C THR A 238 -9.25 7.53 21.41
N ALA A 239 -10.53 7.31 21.17
CA ALA A 239 -11.54 8.18 21.72
C ALA A 239 -11.56 8.19 23.24
N ALA A 240 -11.54 7.00 23.82
CA ALA A 240 -11.56 6.90 25.27
C ALA A 240 -10.37 7.60 25.94
N SER A 241 -9.20 7.55 25.30
CA SER A 241 -7.97 8.17 25.82
C SER A 241 -8.06 9.68 25.80
N LEU A 242 -8.43 10.22 24.65
CA LEU A 242 -8.57 11.65 24.50
C LEU A 242 -9.54 12.18 25.55
N ALA A 243 -10.70 11.54 25.70
CA ALA A 243 -11.68 12.00 26.66
C ALA A 243 -11.17 11.89 28.10
N GLU A 244 -10.51 10.79 28.41
CA GLU A 244 -9.95 10.53 29.75
C GLU A 244 -8.85 11.54 30.09
N ILE A 245 -7.84 11.63 29.22
CA ILE A 245 -6.74 12.55 29.44
C ILE A 245 -7.23 13.99 29.51
N ARG A 246 -8.18 14.34 28.65
CA ARG A 246 -8.68 15.70 28.66
C ARG A 246 -9.37 16.07 29.97
N SER A 247 -10.05 15.10 30.59
CA SER A 247 -10.76 15.30 31.87
C SER A 247 -9.80 15.69 32.99
N GLU A 248 -8.57 15.19 32.94
CA GLU A 248 -7.61 15.52 33.98
C GLU A 248 -6.71 16.66 33.59
N PHE A 249 -6.53 16.90 32.30
CA PHE A 249 -5.65 17.97 31.90
C PHE A 249 -6.28 18.75 30.78
N PRO A 250 -7.27 19.60 31.11
CA PRO A 250 -7.99 20.41 30.13
C PRO A 250 -7.20 21.34 29.22
N ALA A 251 -5.98 21.72 29.61
CA ALA A 251 -5.17 22.65 28.82
C ALA A 251 -4.00 22.01 28.11
N SER A 252 -3.64 20.82 28.56
CA SER A 252 -2.53 20.07 27.98
C SER A 252 -2.77 19.68 26.53
N THR A 253 -1.70 19.60 25.76
CA THR A 253 -1.80 19.23 24.35
C THR A 253 -1.84 17.75 24.07
N MET A 254 -2.82 17.36 23.28
CA MET A 254 -3.00 15.96 22.89
C MET A 254 -3.03 15.84 21.37
N ILE A 255 -2.60 14.72 20.84
CA ILE A 255 -2.63 14.50 19.40
C ILE A 255 -3.25 13.15 19.13
N ALA A 256 -3.98 13.02 18.02
CA ALA A 256 -4.57 11.73 17.73
C ALA A 256 -4.06 11.30 16.35
N SER A 257 -3.48 10.10 16.29
CA SER A 257 -2.93 9.56 15.06
C SER A 257 -3.28 8.09 14.93
N GLY A 258 -3.38 7.59 13.71
CA GLY A 258 -3.69 6.19 13.57
C GLY A 258 -5.15 5.84 13.57
N GLY A 259 -5.58 5.25 12.46
CA GLY A 259 -6.97 4.87 12.33
C GLY A 259 -7.85 5.90 11.68
N LEU A 260 -7.57 7.18 11.91
CA LEU A 260 -8.36 8.27 11.36
C LEU A 260 -8.60 8.00 9.88
N GLN A 261 -9.82 7.65 9.53
CA GLN A 261 -10.17 7.30 8.16
C GLN A 261 -10.41 8.45 7.23
N ASP A 262 -10.89 9.58 7.76
CA ASP A 262 -11.20 10.72 6.91
C ASP A 262 -11.32 12.00 7.70
N ALA A 263 -11.80 13.05 7.06
CA ALA A 263 -11.96 14.36 7.70
C ALA A 263 -12.83 14.29 8.93
N LEU A 264 -13.95 13.56 8.84
CA LEU A 264 -14.87 13.44 9.97
C LEU A 264 -14.17 12.83 11.19
N ASP A 265 -13.29 11.86 10.97
CA ASP A 265 -12.56 11.26 12.09
C ASP A 265 -11.68 12.33 12.69
N VAL A 266 -11.08 13.15 11.84
CA VAL A 266 -10.24 14.23 12.29
C VAL A 266 -11.12 15.17 13.12
N ALA A 267 -12.29 15.53 12.60
CA ALA A 267 -13.20 16.42 13.32
C ALA A 267 -13.53 15.91 14.71
N LYS A 268 -13.80 14.62 14.83
CA LYS A 268 -14.15 14.06 16.12
C LYS A 268 -12.98 14.06 17.09
N ALA A 269 -11.80 13.65 16.62
CA ALA A 269 -10.61 13.62 17.47
C ALA A 269 -10.41 15.01 18.11
N ILE A 270 -10.46 16.04 17.27
CA ILE A 270 -10.30 17.42 17.76
C ILE A 270 -11.44 17.75 18.74
N ALA A 271 -12.67 17.43 18.35
CA ALA A 271 -13.84 17.71 19.21
C ALA A 271 -13.66 17.07 20.57
N LEU A 272 -13.12 15.87 20.59
CA LEU A 272 -12.87 15.15 21.82
C LEU A 272 -11.71 15.73 22.62
N GLY A 273 -10.98 16.70 22.05
CA GLY A 273 -9.85 17.32 22.77
C GLY A 273 -8.51 17.46 22.08
N ALA A 274 -8.29 16.72 20.99
CA ALA A 274 -7.03 16.76 20.26
C ALA A 274 -6.77 18.13 19.64
N SER A 275 -5.50 18.55 19.61
CA SER A 275 -5.14 19.85 19.06
C SER A 275 -4.62 19.70 17.64
N CYS A 276 -4.35 18.45 17.28
CA CYS A 276 -3.78 18.14 15.98
C CYS A 276 -4.02 16.66 15.73
N THR A 277 -4.01 16.25 14.47
CA THR A 277 -4.21 14.84 14.16
C THR A 277 -3.16 14.38 13.16
N GLY A 278 -2.72 13.13 13.28
CA GLY A 278 -1.73 12.61 12.38
C GLY A 278 -2.25 11.58 11.41
N MET A 279 -1.66 11.51 10.23
CA MET A 279 -2.07 10.55 9.21
C MET A 279 -0.85 10.06 8.41
N ALA A 280 -0.78 8.75 8.19
CA ALA A 280 0.33 8.16 7.44
C ALA A 280 -0.12 7.34 6.25
N GLY A 281 -0.51 6.09 6.52
CA GLY A 281 -0.95 5.16 5.49
C GLY A 281 -1.73 5.76 4.35
N HIS A 282 -2.63 6.68 4.66
CA HIS A 282 -3.43 7.29 3.63
C HIS A 282 -2.56 8.10 2.69
N PHE A 283 -1.67 8.91 3.27
CA PHE A 283 -0.78 9.74 2.47
C PHE A 283 0.25 8.94 1.71
N LEU A 284 0.82 7.94 2.39
CA LEU A 284 1.83 7.07 1.78
C LEU A 284 1.30 6.49 0.50
N LYS A 285 0.08 5.94 0.60
CA LYS A 285 -0.63 5.35 -0.53
C LYS A 285 -0.82 6.38 -1.63
N ALA A 286 -1.32 7.55 -1.27
CA ALA A 286 -1.53 8.63 -2.23
C ALA A 286 -0.23 8.97 -2.97
N LEU A 287 0.89 8.77 -2.30
CA LEU A 287 2.16 9.09 -2.92
C LEU A 287 2.54 8.02 -3.94
N THR A 288 2.45 6.75 -3.54
CA THR A 288 2.81 5.67 -4.46
C THR A 288 1.79 5.46 -5.60
N ASP A 289 0.66 6.15 -5.53
CA ASP A 289 -0.38 6.02 -6.56
C ASP A 289 -0.51 7.26 -7.46
N SER A 290 0.04 8.39 -7.03
CA SER A 290 -0.09 9.61 -7.83
C SER A 290 1.08 10.58 -7.67
N GLY A 291 2.04 10.17 -6.85
CA GLY A 291 3.23 10.99 -6.63
C GLY A 291 2.92 12.23 -5.82
N GLU A 292 3.85 13.18 -5.84
CA GLU A 292 3.68 14.41 -5.09
C GLU A 292 2.38 15.13 -5.41
N GLU A 293 2.14 15.41 -6.69
CA GLU A 293 0.92 16.09 -7.13
C GLU A 293 -0.32 15.40 -6.54
N GLY A 294 -0.26 14.09 -6.44
CA GLY A 294 -1.38 13.37 -5.86
C GLY A 294 -1.51 13.71 -4.38
N LEU A 295 -0.44 13.43 -3.61
CA LEU A 295 -0.38 13.70 -2.18
C LEU A 295 -0.82 15.12 -1.86
N LEU A 296 -0.29 16.08 -2.61
CA LEU A 296 -0.62 17.47 -2.39
C LEU A 296 -2.14 17.64 -2.56
N GLU A 297 -2.75 16.93 -3.51
CA GLU A 297 -4.20 17.01 -3.72
C GLU A 297 -4.97 16.39 -2.56
N GLU A 298 -4.62 15.17 -2.20
CA GLU A 298 -5.28 14.50 -1.10
C GLU A 298 -5.20 15.32 0.21
N ILE A 299 -4.06 15.97 0.44
CA ILE A 299 -3.81 16.80 1.62
C ILE A 299 -4.77 17.98 1.62
N GLN A 300 -4.95 18.59 0.45
CA GLN A 300 -5.84 19.73 0.33
C GLN A 300 -7.29 19.27 0.39
N LEU A 301 -7.56 18.17 -0.30
CA LEU A 301 -8.91 17.65 -0.33
C LEU A 301 -9.42 17.42 1.10
N ILE A 302 -8.62 16.76 1.92
CA ILE A 302 -9.02 16.48 3.29
C ILE A 302 -9.09 17.74 4.16
N LEU A 303 -8.23 18.71 3.90
CA LEU A 303 -8.30 19.94 4.70
C LEU A 303 -9.58 20.68 4.35
N GLU A 304 -9.98 20.68 3.08
CA GLU A 304 -11.19 21.42 2.73
C GLU A 304 -12.43 20.72 3.23
N GLU A 305 -12.36 19.38 3.27
CA GLU A 305 -13.46 18.58 3.77
C GLU A 305 -13.62 18.79 5.27
N LEU A 306 -12.54 19.13 5.95
CA LEU A 306 -12.61 19.36 7.39
C LEU A 306 -13.35 20.68 7.61
N LYS A 307 -12.95 21.70 6.86
CA LYS A 307 -13.56 23.03 6.91
C LYS A 307 -15.04 22.91 6.60
N LEU A 308 -15.41 21.99 5.74
CA LEU A 308 -16.82 21.82 5.45
C LEU A 308 -17.56 21.34 6.71
N ILE A 309 -17.12 20.23 7.29
CA ILE A 309 -17.72 19.70 8.51
C ILE A 309 -17.81 20.76 9.60
N MET A 310 -16.80 21.62 9.68
CA MET A 310 -16.81 22.68 10.68
C MET A 310 -17.88 23.70 10.34
N THR A 311 -18.02 23.98 9.05
CA THR A 311 -19.03 24.92 8.59
C THR A 311 -20.40 24.38 8.98
N VAL A 312 -20.67 23.11 8.68
CA VAL A 312 -21.95 22.51 9.02
C VAL A 312 -22.20 22.50 10.51
N LEU A 313 -21.12 22.56 11.28
CA LEU A 313 -21.19 22.56 12.75
C LEU A 313 -21.22 23.94 13.36
N GLY A 314 -20.90 24.95 12.57
CA GLY A 314 -20.88 26.30 13.12
C GLY A 314 -19.59 26.55 13.88
N ALA A 315 -18.57 25.72 13.67
CA ALA A 315 -17.29 25.91 14.34
C ALA A 315 -16.36 26.74 13.45
N ARG A 316 -16.12 27.99 13.83
CA ARG A 316 -15.27 28.86 13.02
C ARG A 316 -13.78 28.62 13.20
N THR A 317 -13.41 28.19 14.40
CA THR A 317 -12.02 27.98 14.72
C THR A 317 -11.77 26.56 15.25
N ILE A 318 -10.50 26.21 15.45
CA ILE A 318 -10.19 24.90 15.98
C ILE A 318 -10.59 24.90 17.45
N ALA A 319 -10.51 26.06 18.11
CA ALA A 319 -10.88 26.11 19.52
C ALA A 319 -12.39 25.93 19.71
N ASP A 320 -13.15 26.24 18.67
CA ASP A 320 -14.60 26.09 18.69
C ASP A 320 -14.94 24.63 18.47
N LEU A 321 -14.31 24.01 17.48
CA LEU A 321 -14.57 22.61 17.22
C LEU A 321 -14.29 21.78 18.48
N GLN A 322 -13.44 22.30 19.37
CA GLN A 322 -13.11 21.59 20.60
C GLN A 322 -14.17 21.70 21.70
N LYS A 323 -15.18 22.53 21.45
CA LYS A 323 -16.29 22.75 22.37
C LYS A 323 -17.61 22.38 21.66
N ALA A 324 -17.51 21.69 20.53
CA ALA A 324 -18.70 21.30 19.78
C ALA A 324 -19.54 20.24 20.50
N PRO A 325 -20.83 20.51 20.72
CA PRO A 325 -21.70 19.54 21.39
C PRO A 325 -21.74 18.20 20.66
N LEU A 326 -21.50 17.12 21.40
CA LEU A 326 -21.52 15.79 20.81
C LEU A 326 -22.06 14.77 21.81
N VAL A 327 -22.43 13.58 21.34
CA VAL A 327 -22.94 12.53 22.22
C VAL A 327 -22.07 11.29 22.09
N ILE A 328 -21.66 10.77 23.25
CA ILE A 328 -20.80 9.60 23.35
C ILE A 328 -21.68 8.40 23.70
N LYS A 329 -21.52 7.31 22.95
CA LYS A 329 -22.34 6.14 23.21
C LYS A 329 -21.49 4.87 23.28
N GLY A 330 -22.17 3.73 23.27
CA GLY A 330 -21.51 2.45 23.29
C GLY A 330 -20.37 2.21 24.25
N GLU A 331 -19.42 1.37 23.83
CA GLU A 331 -18.30 1.05 24.68
C GLU A 331 -17.58 2.25 25.30
N THR A 332 -17.28 3.24 24.47
CA THR A 332 -16.61 4.45 24.92
C THR A 332 -17.32 5.03 26.14
N HIS A 333 -18.63 5.21 25.98
CA HIS A 333 -19.48 5.75 27.03
C HIS A 333 -19.35 4.97 28.32
N HIS A 334 -19.41 3.66 28.23
CA HIS A 334 -19.30 2.84 29.42
C HIS A 334 -17.93 3.00 30.07
N TRP A 335 -16.88 2.83 29.26
CA TRP A 335 -15.52 2.97 29.77
C TRP A 335 -15.35 4.27 30.53
N LEU A 336 -15.71 5.37 29.90
CA LEU A 336 -15.56 6.68 30.52
C LEU A 336 -16.40 6.81 31.76
N THR A 337 -17.57 6.21 31.74
CA THR A 337 -18.46 6.29 32.87
C THR A 337 -17.86 5.58 34.10
N GLU A 338 -17.37 4.37 33.90
CA GLU A 338 -16.75 3.57 34.97
C GLU A 338 -15.45 4.17 35.46
N ARG A 339 -14.77 4.89 34.58
CA ARG A 339 -13.50 5.53 34.91
C ARG A 339 -13.73 6.88 35.56
N GLY A 340 -14.99 7.26 35.72
CA GLY A 340 -15.29 8.53 36.34
C GLY A 340 -15.14 9.78 35.49
N VAL A 341 -15.16 9.59 34.18
CA VAL A 341 -15.05 10.72 33.29
C VAL A 341 -16.45 11.13 32.90
N ASN A 342 -16.71 12.42 33.02
CA ASN A 342 -18.02 12.95 32.71
C ASN A 342 -18.31 12.86 31.21
N THR A 343 -19.47 12.35 30.81
CA THR A 343 -19.77 12.30 29.39
C THR A 343 -20.83 13.31 28.94
N SER A 344 -21.66 13.75 29.87
CA SER A 344 -22.74 14.71 29.56
C SER A 344 -22.21 16.11 29.27
N SER A 345 -21.02 16.43 29.76
CA SER A 345 -20.47 17.75 29.49
C SER A 345 -20.25 17.95 27.98
N TYR A 346 -19.96 16.86 27.28
CA TYR A 346 -19.75 16.91 25.83
C TYR A 346 -21.06 17.20 25.12
N SER A 347 -22.16 16.87 25.80
CA SER A 347 -23.48 17.07 25.21
C SER A 347 -24.18 18.35 25.64
N VAL A 348 -24.06 18.73 26.91
CA VAL A 348 -24.71 19.93 27.42
C VAL A 348 -23.99 21.24 27.12
N ARG A 349 -22.70 21.15 26.79
CA ARG A 349 -21.90 22.33 26.46
C ARG A 349 -22.38 22.98 25.18
N GLU B 22 -12.19 -12.34 -6.68
CA GLU B 22 -12.68 -13.75 -6.82
C GLU B 22 -12.18 -14.44 -8.09
N THR B 23 -10.98 -15.00 -8.00
CA THR B 23 -10.37 -15.67 -9.13
C THR B 23 -11.01 -17.03 -9.43
N GLY B 24 -11.85 -17.52 -8.54
CA GLY B 24 -12.46 -18.81 -8.81
C GLY B 24 -11.49 -19.96 -8.55
N LEU B 25 -10.27 -19.64 -8.11
CA LEU B 25 -9.28 -20.67 -7.83
C LEU B 25 -9.66 -21.50 -6.59
N ASP B 26 -10.52 -20.96 -5.73
CA ASP B 26 -10.95 -21.73 -4.56
C ASP B 26 -11.89 -22.83 -4.95
N ASP B 27 -12.26 -22.86 -6.23
CA ASP B 27 -13.15 -23.89 -6.77
C ASP B 27 -12.30 -25.06 -7.26
N ILE B 28 -10.98 -24.94 -7.07
CA ILE B 28 -10.04 -25.96 -7.49
C ILE B 28 -9.36 -26.59 -6.28
N THR B 29 -9.42 -27.91 -6.23
CA THR B 29 -8.81 -28.67 -5.17
C THR B 29 -7.96 -29.76 -5.77
N PHE B 30 -6.67 -29.71 -5.45
CA PHE B 30 -5.73 -30.72 -5.94
C PHE B 30 -6.12 -32.05 -5.34
N VAL B 31 -5.85 -33.12 -6.08
CA VAL B 31 -6.10 -34.49 -5.61
C VAL B 31 -4.83 -34.87 -4.85
N HIS B 32 -4.99 -35.15 -3.57
CA HIS B 32 -3.89 -35.51 -2.69
C HIS B 32 -3.04 -36.70 -3.13
N VAL B 33 -1.72 -36.57 -3.00
CA VAL B 33 -0.82 -37.65 -3.36
C VAL B 33 -0.14 -38.15 -2.09
N SER B 34 -0.40 -39.39 -1.71
CA SER B 34 0.16 -39.95 -0.49
C SER B 34 1.64 -40.27 -0.58
N LEU B 35 2.07 -40.70 -1.76
CA LEU B 35 3.47 -41.05 -1.98
C LEU B 35 4.11 -40.19 -3.06
N PRO B 36 4.27 -38.89 -2.79
CA PRO B 36 4.87 -38.01 -3.81
C PRO B 36 6.26 -38.41 -4.30
N ASP B 37 6.95 -39.23 -3.53
CA ASP B 37 8.28 -39.73 -3.92
C ASP B 37 9.24 -38.69 -4.50
N LEU B 38 9.30 -37.55 -3.83
CA LEU B 38 10.13 -36.44 -4.28
C LEU B 38 10.76 -35.70 -3.13
N ALA B 39 11.94 -35.14 -3.43
CA ALA B 39 12.68 -34.35 -2.47
C ALA B 39 12.63 -32.90 -2.97
N LEU B 40 12.40 -31.97 -2.07
CA LEU B 40 12.33 -30.56 -2.42
C LEU B 40 13.44 -30.12 -3.36
N GLU B 41 14.60 -30.76 -3.22
CA GLU B 41 15.78 -30.45 -4.01
C GLU B 41 15.69 -30.89 -5.47
N GLN B 42 14.74 -31.74 -5.80
CA GLN B 42 14.65 -32.22 -7.18
C GLN B 42 13.65 -31.40 -7.98
N VAL B 43 12.90 -30.57 -7.26
CA VAL B 43 11.87 -29.73 -7.87
C VAL B 43 12.45 -28.68 -8.79
N ASP B 44 12.01 -28.73 -10.03
CA ASP B 44 12.43 -27.80 -11.05
C ASP B 44 11.27 -26.86 -11.39
N ILE B 45 11.38 -25.59 -11.05
CA ILE B 45 10.28 -24.67 -11.34
C ILE B 45 10.48 -23.76 -12.54
N SER B 46 11.35 -24.15 -13.47
CA SER B 46 11.57 -23.29 -14.63
C SER B 46 10.40 -23.47 -15.59
N THR B 47 10.16 -22.46 -16.42
CA THR B 47 9.06 -22.49 -17.36
C THR B 47 9.33 -21.76 -18.68
N LYS B 48 8.39 -21.85 -19.61
CA LYS B 48 8.55 -21.19 -20.90
C LYS B 48 7.37 -20.28 -21.30
N ILE B 49 7.65 -19.00 -21.48
CA ILE B 49 6.61 -18.07 -21.88
C ILE B 49 6.81 -17.91 -23.38
N GLY B 50 6.17 -18.77 -24.15
CA GLY B 50 6.34 -18.72 -25.58
C GLY B 50 7.68 -19.39 -25.82
N GLU B 51 8.58 -18.67 -26.47
CA GLU B 51 9.90 -19.20 -26.75
C GLU B 51 10.91 -18.70 -25.72
N LEU B 52 10.47 -17.76 -24.89
CA LEU B 52 11.30 -17.20 -23.83
C LEU B 52 11.41 -18.21 -22.69
N SER B 53 12.59 -18.33 -22.12
CA SER B 53 12.80 -19.27 -21.03
C SER B 53 12.93 -18.51 -19.74
N SER B 54 12.22 -18.96 -18.72
CA SER B 54 12.26 -18.29 -17.45
C SER B 54 12.53 -19.30 -16.35
N SER B 55 13.40 -18.93 -15.42
CA SER B 55 13.76 -19.79 -14.32
C SER B 55 12.75 -19.73 -13.19
N SER B 56 11.72 -18.90 -13.38
CA SER B 56 10.67 -18.72 -12.39
C SER B 56 9.29 -18.67 -13.08
N PRO B 57 8.27 -19.26 -12.42
CA PRO B 57 6.90 -19.28 -12.95
C PRO B 57 6.14 -18.11 -12.34
N ILE B 58 6.88 -17.21 -11.72
CA ILE B 58 6.28 -16.05 -11.09
C ILE B 58 7.06 -14.82 -11.51
N PHE B 59 6.36 -13.81 -12.02
CA PHE B 59 7.02 -12.55 -12.43
C PHE B 59 6.35 -11.37 -11.76
N ILE B 60 7.07 -10.25 -11.69
CA ILE B 60 6.57 -9.02 -11.07
C ILE B 60 5.88 -8.08 -12.02
N ASN B 61 4.68 -7.64 -11.67
CA ASN B 61 3.94 -6.69 -12.50
C ASN B 61 4.03 -5.32 -11.84
N ALA B 62 4.99 -4.50 -12.24
CA ALA B 62 5.11 -3.17 -11.62
C ALA B 62 3.87 -2.30 -11.88
N MET B 63 3.70 -1.26 -11.09
CA MET B 63 2.58 -0.37 -11.29
C MET B 63 3.13 0.93 -11.87
N THR B 64 2.34 1.56 -12.74
CA THR B 64 2.74 2.82 -13.36
C THR B 64 3.18 3.84 -12.32
N GLY B 65 2.35 4.06 -11.31
CA GLY B 65 2.69 5.02 -10.27
C GLY B 65 2.34 6.45 -10.60
N GLY B 66 2.87 7.38 -9.81
CA GLY B 66 2.57 8.80 -10.04
C GLY B 66 3.62 9.51 -10.87
N GLY B 67 4.60 8.74 -11.35
CA GLY B 67 5.66 9.32 -12.16
C GLY B 67 6.70 10.00 -11.28
N GLY B 68 7.44 10.93 -11.87
CA GLY B 68 8.45 11.63 -11.11
C GLY B 68 9.65 10.77 -10.79
N LYS B 69 10.44 11.20 -9.81
CA LYS B 69 11.63 10.47 -9.40
C LYS B 69 11.30 9.27 -8.51
N LEU B 70 10.11 9.27 -7.93
CA LEU B 70 9.71 8.17 -7.06
C LEU B 70 9.52 6.94 -7.93
N THR B 71 8.76 7.07 -9.01
CA THR B 71 8.54 5.92 -9.87
C THR B 71 9.86 5.31 -10.33
N TYR B 72 10.82 6.19 -10.59
CA TYR B 72 12.17 5.82 -11.01
C TYR B 72 12.83 4.92 -9.94
N GLU B 73 12.80 5.36 -8.70
CA GLU B 73 13.41 4.57 -7.64
C GLU B 73 12.67 3.26 -7.36
N ILE B 74 11.35 3.29 -7.44
CA ILE B 74 10.57 2.09 -7.23
C ILE B 74 10.93 1.08 -8.33
N ASN B 75 10.98 1.54 -9.58
CA ASN B 75 11.34 0.66 -10.70
C ASN B 75 12.78 0.16 -10.58
N LYS B 76 13.70 1.05 -10.23
CA LYS B 76 15.07 0.62 -10.09
C LYS B 76 15.13 -0.51 -9.05
N SER B 77 14.47 -0.32 -7.92
CA SER B 77 14.47 -1.36 -6.89
C SER B 77 13.87 -2.66 -7.37
N LEU B 78 12.72 -2.58 -8.03
CA LEU B 78 12.10 -3.79 -8.56
C LEU B 78 13.11 -4.47 -9.45
N ALA B 79 13.66 -3.72 -10.42
CA ALA B 79 14.65 -4.30 -11.34
C ALA B 79 15.82 -4.98 -10.61
N ARG B 80 16.33 -4.36 -9.55
CA ARG B 80 17.43 -4.99 -8.83
C ARG B 80 16.94 -6.28 -8.21
N ALA B 81 15.88 -6.17 -7.41
CA ALA B 81 15.30 -7.32 -6.74
C ALA B 81 15.10 -8.43 -7.74
N ALA B 82 14.40 -8.12 -8.83
CA ALA B 82 14.12 -9.08 -9.90
C ALA B 82 15.40 -9.70 -10.42
N SER B 83 16.32 -8.85 -10.81
CA SER B 83 17.60 -9.31 -11.32
C SER B 83 18.24 -10.32 -10.39
N GLN B 84 18.20 -10.04 -9.08
CA GLN B 84 18.80 -10.95 -8.14
C GLN B 84 18.02 -12.22 -7.95
N ALA B 85 16.68 -12.15 -7.92
CA ALA B 85 15.90 -13.35 -7.70
C ALA B 85 15.82 -14.19 -8.96
N GLY B 86 16.17 -13.55 -10.08
CA GLY B 86 16.17 -14.21 -11.37
C GLY B 86 14.76 -14.42 -11.91
N ILE B 87 13.84 -13.52 -11.60
CA ILE B 87 12.46 -13.65 -12.07
C ILE B 87 12.10 -12.50 -13.00
N PRO B 88 11.21 -12.75 -13.99
CA PRO B 88 10.82 -11.68 -14.92
C PRO B 88 10.19 -10.47 -14.26
N LEU B 89 10.14 -9.38 -15.02
CA LEU B 89 9.57 -8.12 -14.55
C LEU B 89 8.87 -7.36 -15.69
N ALA B 90 7.62 -6.99 -15.43
CA ALA B 90 6.83 -6.23 -16.38
C ALA B 90 6.73 -4.78 -15.88
N VAL B 91 6.97 -3.79 -16.72
CA VAL B 91 6.88 -2.41 -16.28
C VAL B 91 5.47 -1.88 -16.42
N GLY B 92 5.21 -0.69 -15.90
CA GLY B 92 3.89 -0.12 -16.05
C GLY B 92 3.76 0.41 -17.46
N SER B 93 2.57 0.91 -17.80
CA SER B 93 2.35 1.46 -19.14
C SER B 93 3.42 2.51 -19.46
N GLN B 94 4.04 2.37 -20.64
CA GLN B 94 5.08 3.30 -21.09
C GLN B 94 4.52 4.34 -22.04
N MET B 95 3.20 4.40 -22.16
CA MET B 95 2.56 5.35 -23.08
C MET B 95 2.96 6.81 -22.79
N SER B 96 2.79 7.22 -21.54
CA SER B 96 3.14 8.57 -21.12
C SER B 96 4.61 8.83 -21.40
N ALA B 97 5.48 7.89 -21.04
CA ALA B 97 6.91 8.06 -21.27
C ALA B 97 7.18 8.13 -22.75
N LEU B 98 6.20 7.76 -23.56
CA LEU B 98 6.40 7.79 -24.99
C LEU B 98 6.33 9.21 -25.52
N LYS B 99 5.38 10.01 -25.01
CA LYS B 99 5.23 11.41 -25.42
C LYS B 99 6.12 12.36 -24.63
N ASP B 100 6.46 11.99 -23.39
CA ASP B 100 7.32 12.84 -22.58
C ASP B 100 8.71 12.26 -22.43
N PRO B 101 9.66 12.71 -23.27
CA PRO B 101 11.04 12.21 -23.21
C PRO B 101 11.64 12.27 -21.82
N SER B 102 11.04 13.09 -20.98
CA SER B 102 11.53 13.22 -19.63
C SER B 102 11.33 11.98 -18.75
N GLU B 103 10.08 11.50 -18.74
CA GLU B 103 9.65 10.34 -17.95
C GLU B 103 10.20 9.00 -18.44
N ARG B 104 10.83 9.03 -19.61
CA ARG B 104 11.39 7.85 -20.22
C ARG B 104 12.48 7.21 -19.33
N LEU B 105 13.25 8.02 -18.62
CA LEU B 105 14.33 7.49 -17.77
C LEU B 105 13.80 6.49 -16.74
N SER B 106 12.60 6.75 -16.23
CA SER B 106 11.96 5.88 -15.23
C SER B 106 11.82 4.42 -15.66
N TYR B 107 11.86 4.18 -16.97
CA TYR B 107 11.76 2.81 -17.50
C TYR B 107 13.12 2.29 -17.95
N GLU B 108 13.93 3.13 -18.58
CA GLU B 108 15.25 2.69 -19.04
C GLU B 108 16.11 2.21 -17.91
N ILE B 109 15.86 2.73 -16.71
CA ILE B 109 16.65 2.35 -15.55
C ILE B 109 16.46 0.87 -15.19
N VAL B 110 15.31 0.34 -15.60
CA VAL B 110 14.96 -1.06 -15.37
C VAL B 110 15.89 -2.00 -16.14
N ARG B 111 16.21 -1.64 -17.37
CA ARG B 111 17.11 -2.46 -18.16
C ARG B 111 18.56 -2.26 -17.73
N LYS B 112 18.90 -1.07 -17.23
CA LYS B 112 20.25 -0.79 -16.73
C LYS B 112 20.53 -1.63 -15.50
N GLU B 113 19.55 -1.70 -14.60
CA GLU B 113 19.76 -2.46 -13.39
C GLU B 113 19.67 -3.96 -13.60
N ASN B 114 18.80 -4.38 -14.51
CA ASN B 114 18.63 -5.80 -14.79
C ASN B 114 19.00 -6.10 -16.23
N PRO B 115 20.30 -6.21 -16.55
CA PRO B 115 20.77 -6.48 -17.92
C PRO B 115 20.55 -7.87 -18.51
N ASN B 116 20.44 -8.86 -17.65
CA ASN B 116 20.29 -10.22 -18.12
C ASN B 116 18.92 -10.83 -17.83
N GLY B 117 17.98 -10.05 -17.30
CA GLY B 117 16.70 -10.62 -17.00
C GLY B 117 15.63 -10.33 -18.03
N LEU B 118 14.58 -11.16 -18.02
CA LEU B 118 13.44 -11.01 -18.92
C LEU B 118 12.64 -9.84 -18.42
N ILE B 119 12.32 -8.91 -19.29
CA ILE B 119 11.58 -7.72 -18.94
C ILE B 119 10.54 -7.51 -20.03
N PHE B 120 9.30 -7.25 -19.64
CA PHE B 120 8.23 -7.04 -20.60
C PHE B 120 7.82 -5.57 -20.64
N ALA B 121 7.65 -5.06 -21.86
CA ALA B 121 7.23 -3.68 -22.12
C ALA B 121 5.71 -3.68 -21.96
N ASN B 122 5.12 -2.47 -21.88
CA ASN B 122 3.70 -2.33 -21.66
C ASN B 122 3.05 -1.11 -22.31
N LEU B 123 1.95 -1.35 -23.02
CA LEU B 123 1.18 -0.33 -23.73
C LEU B 123 -0.28 -0.77 -23.86
N GLY B 124 -1.19 0.19 -23.95
CA GLY B 124 -2.61 -0.12 -24.08
C GLY B 124 -2.93 -0.53 -25.50
N SER B 125 -4.10 -1.12 -25.69
CA SER B 125 -4.53 -1.58 -27.00
C SER B 125 -4.72 -0.45 -28.03
N GLU B 126 -4.60 0.81 -27.59
CA GLU B 126 -4.73 1.93 -28.53
C GLU B 126 -3.39 2.15 -29.21
N ALA B 127 -2.32 1.67 -28.60
CA ALA B 127 -0.99 1.83 -29.20
C ALA B 127 -0.91 1.40 -30.65
N THR B 128 0.02 2.01 -31.38
CA THR B 128 0.27 1.74 -32.79
C THR B 128 1.53 0.89 -32.93
N ALA B 129 1.72 0.27 -34.09
CA ALA B 129 2.92 -0.55 -34.28
C ALA B 129 4.17 0.27 -33.99
N ALA B 130 4.11 1.56 -34.29
CA ALA B 130 5.23 2.44 -34.08
C ALA B 130 5.54 2.56 -32.60
N GLN B 131 4.55 3.00 -31.85
CA GLN B 131 4.75 3.16 -30.43
C GLN B 131 5.21 1.87 -29.79
N ALA B 132 4.64 0.74 -30.23
CA ALA B 132 5.00 -0.56 -29.68
C ALA B 132 6.48 -0.84 -29.81
N LYS B 133 7.02 -0.49 -30.98
CA LYS B 133 8.43 -0.69 -31.25
C LYS B 133 9.27 0.22 -30.39
N GLU B 134 8.80 1.44 -30.23
CA GLU B 134 9.53 2.42 -29.44
C GLU B 134 9.52 2.00 -27.98
N ALA B 135 8.38 1.51 -27.49
CA ALA B 135 8.27 1.06 -26.11
C ALA B 135 9.22 -0.10 -25.83
N VAL B 136 9.23 -1.09 -26.72
CA VAL B 136 10.10 -2.27 -26.62
C VAL B 136 11.58 -1.85 -26.64
N GLU B 137 11.90 -0.96 -27.57
CA GLU B 137 13.26 -0.48 -27.69
C GLU B 137 13.67 0.33 -26.47
N MET B 138 12.70 0.99 -25.85
CA MET B 138 12.96 1.83 -24.68
C MET B 138 13.68 1.13 -23.53
N ILE B 139 13.31 -0.11 -23.27
CA ILE B 139 13.86 -0.90 -22.16
C ILE B 139 14.51 -2.20 -22.63
N GLY B 140 14.58 -2.39 -23.95
CA GLY B 140 15.16 -3.60 -24.50
C GLY B 140 14.36 -4.81 -24.09
N ALA B 141 13.03 -4.72 -24.19
CA ALA B 141 12.12 -5.79 -23.78
C ALA B 141 12.25 -7.14 -24.45
N ASN B 142 11.89 -8.19 -23.72
CA ASN B 142 11.94 -9.53 -24.26
C ASN B 142 10.59 -9.92 -24.82
N ALA B 143 9.57 -9.18 -24.41
CA ALA B 143 8.21 -9.38 -24.88
C ALA B 143 7.48 -8.05 -24.68
N LEU B 144 6.32 -7.93 -25.29
CA LEU B 144 5.52 -6.71 -25.18
C LEU B 144 4.11 -7.05 -24.77
N GLN B 145 3.67 -6.38 -23.71
CA GLN B 145 2.35 -6.56 -23.17
C GLN B 145 1.42 -5.48 -23.66
N ILE B 146 0.29 -5.92 -24.22
CA ILE B 146 -0.74 -5.01 -24.69
C ILE B 146 -1.97 -5.34 -23.82
N HIS B 147 -2.41 -4.38 -23.00
CA HIS B 147 -3.56 -4.63 -22.14
C HIS B 147 -4.86 -4.13 -22.77
N LEU B 148 -5.93 -4.88 -22.56
CA LEU B 148 -7.24 -4.53 -23.09
C LEU B 148 -8.10 -4.14 -21.89
N ASN B 149 -9.11 -3.29 -22.11
CA ASN B 149 -10.01 -2.96 -21.02
C ASN B 149 -11.17 -2.14 -21.49
N VAL B 150 -12.02 -2.73 -22.33
CA VAL B 150 -13.16 -2.00 -22.85
C VAL B 150 -14.15 -1.50 -21.77
N ILE B 151 -14.56 -2.39 -20.85
CA ILE B 151 -15.50 -2.03 -19.78
C ILE B 151 -15.02 -0.87 -18.91
N GLN B 152 -13.71 -0.77 -18.72
CA GLN B 152 -13.19 0.32 -17.90
C GLN B 152 -13.04 1.61 -18.72
N GLU B 153 -12.61 1.48 -19.97
CA GLU B 153 -12.44 2.65 -20.82
C GLU B 153 -13.77 3.24 -21.26
N ILE B 154 -14.83 2.41 -21.21
CA ILE B 154 -16.17 2.85 -21.61
C ILE B 154 -16.88 3.69 -20.53
N VAL B 155 -16.75 3.27 -19.28
CA VAL B 155 -17.32 4.02 -18.17
C VAL B 155 -16.56 5.37 -18.08
N MET B 156 -15.28 5.34 -17.66
CA MET B 156 -14.48 6.58 -17.57
C MET B 156 -14.57 7.34 -18.89
N PHE B 163 -14.93 1.20 -29.22
CA PHE B 163 -13.67 0.48 -29.09
C PHE B 163 -13.26 -0.29 -30.37
N SER B 164 -13.66 0.23 -31.52
CA SER B 164 -13.35 -0.38 -32.82
C SER B 164 -11.84 -0.29 -33.14
N GLY B 165 -11.29 -1.32 -33.77
CA GLY B 165 -9.88 -1.27 -34.13
C GLY B 165 -8.91 -1.97 -33.20
N ALA B 166 -9.34 -2.31 -32.00
CA ALA B 166 -8.47 -3.00 -31.04
C ALA B 166 -7.75 -4.20 -31.65
N LEU B 167 -8.49 -5.19 -32.15
CA LEU B 167 -7.88 -6.37 -32.73
C LEU B 167 -6.95 -6.02 -33.90
N LYS B 168 -7.39 -5.08 -34.73
CA LYS B 168 -6.62 -4.60 -35.89
C LYS B 168 -5.26 -4.09 -35.45
N ARG B 169 -5.29 -3.21 -34.47
CA ARG B 169 -4.09 -2.62 -33.91
C ARG B 169 -3.18 -3.70 -33.35
N ILE B 170 -3.75 -4.70 -32.65
CA ILE B 170 -2.94 -5.78 -32.08
C ILE B 170 -2.29 -6.60 -33.16
N GLU B 171 -3.05 -6.87 -34.20
CA GLU B 171 -2.56 -7.65 -35.31
C GLU B 171 -1.40 -6.93 -36.02
N GLN B 172 -1.48 -5.60 -36.13
CA GLN B 172 -0.42 -4.80 -36.76
C GLN B 172 0.84 -4.77 -35.88
N ILE B 173 0.63 -4.62 -34.59
CA ILE B 173 1.75 -4.60 -33.65
C ILE B 173 2.51 -5.91 -33.62
N CYS B 174 1.76 -7.01 -33.65
CA CYS B 174 2.40 -8.34 -33.59
C CYS B 174 3.37 -8.63 -34.73
N SER B 175 3.03 -8.21 -35.94
CA SER B 175 3.86 -8.48 -37.09
C SER B 175 4.99 -7.47 -37.30
N ARG B 176 5.04 -6.42 -36.48
CA ARG B 176 6.10 -5.46 -36.64
C ARG B 176 7.04 -5.34 -35.45
N VAL B 177 6.73 -6.01 -34.34
CA VAL B 177 7.69 -5.94 -33.24
C VAL B 177 8.60 -7.15 -33.34
N SER B 178 9.83 -6.98 -32.86
CA SER B 178 10.83 -8.04 -32.90
C SER B 178 10.72 -8.95 -31.70
N VAL B 179 9.66 -8.84 -30.91
CA VAL B 179 9.52 -9.70 -29.74
C VAL B 179 8.12 -10.30 -29.59
N PRO B 180 7.96 -11.32 -28.76
CA PRO B 180 6.63 -11.92 -28.59
C PRO B 180 5.65 -10.97 -27.89
N VAL B 181 4.41 -10.96 -28.34
CA VAL B 181 3.40 -10.10 -27.76
C VAL B 181 2.45 -10.83 -26.80
N ILE B 182 2.23 -10.24 -25.64
CA ILE B 182 1.34 -10.83 -24.67
C ILE B 182 0.15 -9.90 -24.51
N VAL B 183 -1.03 -10.36 -24.91
CA VAL B 183 -2.22 -9.54 -24.79
C VAL B 183 -2.77 -9.85 -23.42
N LYS B 184 -2.99 -8.79 -22.66
CA LYS B 184 -3.47 -8.89 -21.29
C LYS B 184 -4.87 -8.33 -21.08
N GLU B 185 -5.72 -9.06 -20.38
CA GLU B 185 -7.08 -8.61 -20.05
C GLU B 185 -7.05 -8.26 -18.56
N VAL B 186 -7.40 -7.03 -18.22
CA VAL B 186 -7.35 -6.62 -16.80
C VAL B 186 -8.67 -6.74 -16.03
N GLY B 187 -8.88 -7.85 -15.33
CA GLY B 187 -10.09 -7.96 -14.54
C GLY B 187 -11.30 -8.77 -14.95
N PHE B 188 -11.74 -8.69 -16.20
CA PHE B 188 -12.93 -9.45 -16.57
C PHE B 188 -12.70 -10.80 -17.22
N GLY B 189 -11.49 -11.34 -17.16
CA GLY B 189 -11.26 -12.63 -17.77
C GLY B 189 -11.33 -12.67 -19.29
N MET B 190 -11.17 -13.85 -19.85
CA MET B 190 -11.15 -13.99 -21.30
C MET B 190 -11.76 -15.32 -21.73
N SER B 191 -12.53 -15.29 -22.82
CA SER B 191 -13.18 -16.50 -23.36
C SER B 191 -12.30 -17.21 -24.39
N LYS B 192 -12.64 -18.46 -24.70
CA LYS B 192 -11.87 -19.20 -25.68
C LYS B 192 -12.00 -18.55 -27.06
N ALA B 193 -13.06 -17.78 -27.26
CA ALA B 193 -13.22 -17.10 -28.55
C ALA B 193 -12.24 -15.92 -28.59
N SER B 194 -12.20 -15.15 -27.50
CA SER B 194 -11.30 -14.01 -27.44
C SER B 194 -9.86 -14.46 -27.57
N ALA B 195 -9.52 -15.54 -26.88
CA ALA B 195 -8.17 -16.03 -26.92
C ALA B 195 -7.84 -16.49 -28.34
N GLY B 196 -8.78 -17.20 -28.97
CA GLY B 196 -8.54 -17.67 -30.32
C GLY B 196 -8.25 -16.55 -31.31
N LYS B 197 -8.93 -15.42 -31.16
CA LYS B 197 -8.70 -14.32 -32.08
C LYS B 197 -7.32 -13.73 -31.86
N LEU B 198 -6.94 -13.50 -30.61
CA LEU B 198 -5.64 -12.93 -30.32
C LEU B 198 -4.54 -13.86 -30.82
N TYR B 199 -4.63 -15.15 -30.48
CA TYR B 199 -3.65 -16.16 -30.92
C TYR B 199 -3.45 -16.09 -32.44
N GLU B 200 -4.55 -16.21 -33.16
CA GLU B 200 -4.61 -16.15 -34.62
C GLU B 200 -4.00 -14.85 -35.13
N ALA B 201 -4.28 -13.74 -34.45
CA ALA B 201 -3.76 -12.44 -34.84
C ALA B 201 -2.24 -12.37 -34.71
N GLY B 202 -1.68 -13.26 -33.89
CA GLY B 202 -0.24 -13.28 -33.70
C GLY B 202 0.25 -13.22 -32.27
N ALA B 203 -0.65 -13.01 -31.31
CA ALA B 203 -0.30 -12.92 -29.91
C ALA B 203 0.47 -14.18 -29.47
N ALA B 204 1.63 -14.05 -28.83
CA ALA B 204 2.38 -15.22 -28.37
C ALA B 204 1.71 -15.77 -27.14
N ALA B 205 0.98 -14.94 -26.43
CA ALA B 205 0.35 -15.45 -25.24
C ALA B 205 -0.75 -14.52 -24.82
N VAL B 206 -1.47 -14.94 -23.78
CA VAL B 206 -2.54 -14.10 -23.25
C VAL B 206 -2.37 -14.11 -21.74
N ASP B 207 -2.62 -12.96 -21.15
CA ASP B 207 -2.49 -12.78 -19.71
C ASP B 207 -3.88 -12.57 -19.11
N ILE B 208 -4.40 -13.60 -18.43
CA ILE B 208 -5.72 -13.56 -17.81
C ILE B 208 -5.68 -12.86 -16.48
N GLY B 209 -6.51 -11.83 -16.34
CA GLY B 209 -6.59 -11.07 -15.11
C GLY B 209 -8.00 -11.04 -14.51
N GLY B 210 -8.88 -11.91 -15.01
CA GLY B 210 -10.24 -11.96 -14.50
C GLY B 210 -10.35 -12.38 -13.05
N ARG B 226 -22.07 6.21 -12.91
CA ARG B 226 -23.26 5.67 -12.23
C ARG B 226 -23.90 4.54 -13.04
N GLN B 227 -23.05 3.78 -13.75
CA GLN B 227 -23.43 2.65 -14.60
C GLN B 227 -22.52 1.48 -14.30
N ILE B 228 -21.54 1.74 -13.44
CA ILE B 228 -20.57 0.74 -13.04
C ILE B 228 -21.28 -0.49 -12.50
N SER B 229 -22.49 -0.29 -11.97
CA SER B 229 -23.26 -1.41 -11.42
C SER B 229 -23.48 -2.48 -12.48
N PHE B 230 -23.60 -2.05 -13.73
CA PHE B 230 -23.82 -2.99 -14.82
C PHE B 230 -22.76 -4.08 -14.81
N PHE B 231 -21.59 -3.78 -14.27
CA PHE B 231 -20.56 -4.80 -14.33
C PHE B 231 -20.14 -5.41 -13.01
N ASN B 232 -21.01 -5.32 -12.03
CA ASN B 232 -20.73 -5.87 -10.72
C ASN B 232 -20.49 -7.37 -10.78
N SER B 233 -21.36 -8.09 -11.46
CA SER B 233 -21.16 -9.53 -11.57
C SER B 233 -20.91 -9.87 -13.03
N TRP B 234 -19.98 -9.14 -13.64
CA TRP B 234 -19.64 -9.29 -15.06
C TRP B 234 -18.28 -9.95 -15.24
N GLY B 235 -18.15 -10.78 -16.28
CA GLY B 235 -16.88 -11.41 -16.55
C GLY B 235 -16.77 -12.92 -16.42
N ILE B 236 -15.55 -13.41 -16.60
CA ILE B 236 -15.22 -14.81 -16.51
C ILE B 236 -14.08 -14.86 -15.48
N SER B 237 -14.15 -15.80 -14.55
CA SER B 237 -13.14 -15.90 -13.50
C SER B 237 -11.81 -16.37 -14.07
N THR B 238 -10.71 -16.00 -13.39
CA THR B 238 -9.38 -16.40 -13.84
C THR B 238 -9.43 -17.90 -14.03
N ALA B 239 -9.93 -18.63 -13.04
CA ALA B 239 -9.99 -20.09 -13.16
C ALA B 239 -10.74 -20.57 -14.41
N ALA B 240 -11.97 -20.09 -14.56
CA ALA B 240 -12.79 -20.50 -15.70
C ALA B 240 -12.09 -20.17 -17.01
N SER B 241 -11.54 -18.96 -17.09
CA SER B 241 -10.83 -18.53 -18.29
C SER B 241 -9.75 -19.50 -18.71
N LEU B 242 -8.86 -19.82 -17.78
CA LEU B 242 -7.76 -20.74 -18.08
C LEU B 242 -8.30 -22.07 -18.59
N ALA B 243 -9.23 -22.65 -17.84
CA ALA B 243 -9.78 -23.94 -18.24
C ALA B 243 -10.42 -23.83 -19.61
N GLU B 244 -11.09 -22.72 -19.91
CA GLU B 244 -11.73 -22.55 -21.22
C GLU B 244 -10.72 -22.45 -22.35
N ILE B 245 -9.80 -21.50 -22.23
CA ILE B 245 -8.81 -21.32 -23.27
C ILE B 245 -7.96 -22.57 -23.46
N ARG B 246 -7.68 -23.27 -22.37
CA ARG B 246 -6.87 -24.47 -22.45
C ARG B 246 -7.56 -25.56 -23.25
N SER B 247 -8.87 -25.63 -23.13
CA SER B 247 -9.60 -26.66 -23.84
C SER B 247 -9.51 -26.56 -25.35
N GLU B 248 -9.50 -25.32 -25.88
CA GLU B 248 -9.43 -25.11 -27.32
C GLU B 248 -8.03 -25.00 -27.85
N PHE B 249 -7.10 -24.60 -26.99
CA PHE B 249 -5.70 -24.43 -27.39
C PHE B 249 -4.75 -25.00 -26.38
N PRO B 250 -4.63 -26.35 -26.34
CA PRO B 250 -3.79 -27.12 -25.43
C PRO B 250 -2.34 -26.70 -25.35
N ALA B 251 -1.74 -26.44 -26.50
CA ALA B 251 -0.33 -26.08 -26.56
C ALA B 251 -0.04 -24.58 -26.61
N SER B 252 -1.03 -23.77 -26.26
CA SER B 252 -0.84 -22.32 -26.29
C SER B 252 -0.46 -21.72 -24.94
N THR B 253 0.48 -20.79 -24.95
CA THR B 253 0.96 -20.14 -23.71
C THR B 253 -0.07 -19.26 -23.04
N MET B 254 -0.35 -19.59 -21.78
CA MET B 254 -1.29 -18.80 -20.99
C MET B 254 -0.56 -18.24 -19.76
N ILE B 255 -0.97 -17.04 -19.34
CA ILE B 255 -0.40 -16.42 -18.14
C ILE B 255 -1.58 -15.99 -17.27
N ALA B 256 -1.40 -16.03 -15.96
CA ALA B 256 -2.47 -15.64 -15.07
C ALA B 256 -1.91 -14.58 -14.15
N SER B 257 -2.60 -13.46 -13.94
CA SER B 257 -2.07 -12.50 -13.00
C SER B 257 -3.20 -11.80 -12.28
N GLY B 258 -2.93 -11.26 -11.09
CA GLY B 258 -3.97 -10.59 -10.33
C GLY B 258 -4.91 -11.48 -9.50
N GLY B 259 -4.87 -11.30 -8.19
CA GLY B 259 -5.70 -12.07 -7.28
C GLY B 259 -5.00 -13.26 -6.67
N LEU B 260 -3.84 -13.58 -7.22
CA LEU B 260 -3.07 -14.70 -6.73
C LEU B 260 -2.49 -14.29 -5.41
N GLN B 261 -3.20 -14.65 -4.36
CA GLN B 261 -2.81 -14.30 -3.01
C GLN B 261 -1.54 -14.98 -2.53
N ASP B 262 -1.37 -16.25 -2.85
CA ASP B 262 -0.21 -16.98 -2.38
C ASP B 262 0.38 -17.98 -3.37
N ALA B 263 1.22 -18.88 -2.86
CA ALA B 263 1.84 -19.90 -3.69
C ALA B 263 0.83 -20.96 -4.15
N LEU B 264 -0.15 -21.27 -3.31
CA LEU B 264 -1.15 -22.27 -3.70
C LEU B 264 -1.98 -21.78 -4.89
N ASP B 265 -2.22 -20.48 -4.95
CA ASP B 265 -2.97 -19.87 -6.05
C ASP B 265 -2.16 -20.08 -7.31
N VAL B 266 -0.89 -19.71 -7.26
CA VAL B 266 0.03 -19.88 -8.37
C VAL B 266 -0.03 -21.30 -8.84
N ALA B 267 0.04 -22.23 -7.90
CA ALA B 267 0.00 -23.62 -8.24
C ALA B 267 -1.30 -23.99 -8.92
N LYS B 268 -2.43 -23.51 -8.42
CA LYS B 268 -3.68 -23.86 -9.08
C LYS B 268 -3.75 -23.31 -10.49
N ALA B 269 -3.35 -22.05 -10.66
CA ALA B 269 -3.36 -21.43 -11.98
C ALA B 269 -2.49 -22.22 -12.95
N ILE B 270 -1.26 -22.54 -12.53
CA ILE B 270 -0.34 -23.31 -13.36
C ILE B 270 -0.90 -24.71 -13.65
N ALA B 271 -1.67 -25.26 -12.70
CA ALA B 271 -2.26 -26.58 -12.88
C ALA B 271 -3.38 -26.48 -13.91
N LEU B 272 -4.02 -25.32 -13.99
CA LEU B 272 -5.11 -25.15 -14.94
C LEU B 272 -4.60 -24.88 -16.34
N GLY B 273 -3.29 -24.67 -16.47
CA GLY B 273 -2.75 -24.43 -17.78
C GLY B 273 -1.77 -23.28 -17.88
N ALA B 274 -1.71 -22.41 -16.87
CA ALA B 274 -0.80 -21.28 -16.94
C ALA B 274 0.69 -21.67 -17.00
N SER B 275 1.45 -21.00 -17.86
CA SER B 275 2.88 -21.31 -17.98
C SER B 275 3.67 -20.41 -17.05
N CYS B 276 3.01 -19.33 -16.64
CA CYS B 276 3.62 -18.34 -15.77
C CYS B 276 2.54 -17.53 -15.03
N THR B 277 2.83 -17.03 -13.83
CA THR B 277 1.85 -16.23 -13.12
C THR B 277 2.46 -14.88 -12.75
N GLY B 278 1.64 -13.84 -12.58
CA GLY B 278 2.19 -12.55 -12.23
C GLY B 278 1.61 -12.00 -10.94
N MET B 279 2.41 -11.26 -10.19
CA MET B 279 1.94 -10.66 -8.94
C MET B 279 2.43 -9.21 -8.85
N ALA B 280 1.59 -8.34 -8.29
CA ALA B 280 1.94 -6.91 -8.16
C ALA B 280 1.84 -6.43 -6.71
N GLY B 281 0.65 -6.02 -6.28
CA GLY B 281 0.44 -5.54 -4.93
C GLY B 281 1.31 -6.21 -3.88
N HIS B 282 1.23 -7.52 -3.83
CA HIS B 282 2.02 -8.27 -2.86
C HIS B 282 3.47 -7.80 -2.78
N PHE B 283 4.12 -7.66 -3.94
CA PHE B 283 5.53 -7.25 -4.00
C PHE B 283 5.74 -5.74 -3.78
N LEU B 284 4.80 -4.95 -4.27
CA LEU B 284 4.87 -3.51 -4.18
C LEU B 284 4.98 -3.05 -2.75
N LYS B 285 4.12 -3.63 -1.92
CA LYS B 285 4.07 -3.27 -0.51
C LYS B 285 5.27 -3.76 0.27
N ALA B 286 5.71 -4.97 -0.02
CA ALA B 286 6.87 -5.51 0.66
C ALA B 286 8.06 -4.59 0.38
N LEU B 287 8.04 -3.97 -0.80
CA LEU B 287 9.10 -3.05 -1.20
C LEU B 287 9.07 -1.82 -0.29
N THR B 288 7.93 -1.11 -0.28
CA THR B 288 7.79 0.07 0.55
C THR B 288 7.93 -0.22 2.06
N ASP B 289 7.96 -1.51 2.45
CA ASP B 289 8.11 -1.84 3.88
C ASP B 289 9.55 -2.17 4.24
N SER B 290 10.21 -2.93 3.38
CA SER B 290 11.58 -3.35 3.66
C SER B 290 12.57 -3.12 2.55
N GLY B 291 12.16 -2.30 1.59
CA GLY B 291 13.03 -2.01 0.46
C GLY B 291 13.42 -3.23 -0.33
N GLU B 292 14.46 -3.09 -1.13
CA GLU B 292 14.96 -4.17 -1.96
C GLU B 292 15.17 -5.45 -1.15
N GLU B 293 15.90 -5.31 -0.04
CA GLU B 293 16.22 -6.43 0.85
C GLU B 293 14.95 -7.22 1.20
N GLY B 294 13.91 -6.50 1.60
CA GLY B 294 12.66 -7.15 1.95
C GLY B 294 12.02 -7.84 0.76
N LEU B 295 11.79 -7.08 -0.32
CA LEU B 295 11.17 -7.61 -1.53
C LEU B 295 11.83 -8.91 -1.99
N LEU B 296 13.15 -8.88 -2.10
CA LEU B 296 13.91 -10.06 -2.50
C LEU B 296 13.52 -11.25 -1.62
N GLU B 297 13.46 -11.04 -0.31
CA GLU B 297 13.08 -12.11 0.62
C GLU B 297 11.70 -12.67 0.28
N GLU B 298 10.73 -11.78 0.19
CA GLU B 298 9.38 -12.18 -0.12
C GLU B 298 9.29 -13.01 -1.42
N ILE B 299 10.12 -12.67 -2.40
CA ILE B 299 10.12 -13.39 -3.68
C ILE B 299 10.59 -14.83 -3.47
N GLN B 300 11.75 -14.96 -2.86
CA GLN B 300 12.39 -16.24 -2.55
C GLN B 300 11.49 -17.10 -1.69
N LEU B 301 10.80 -16.45 -0.77
CA LEU B 301 9.91 -17.13 0.15
C LEU B 301 8.77 -17.80 -0.60
N ILE B 302 8.15 -17.07 -1.51
CA ILE B 302 7.05 -17.63 -2.25
C ILE B 302 7.51 -18.63 -3.30
N LEU B 303 8.72 -18.47 -3.83
CA LEU B 303 9.21 -19.42 -4.82
C LEU B 303 9.52 -20.70 -4.08
N GLU B 304 9.95 -20.60 -2.85
CA GLU B 304 10.25 -21.83 -2.14
C GLU B 304 8.99 -22.50 -1.67
N GLU B 305 7.98 -21.70 -1.35
CA GLU B 305 6.68 -22.24 -0.90
C GLU B 305 5.93 -22.95 -2.01
N LEU B 306 6.25 -22.60 -3.25
CA LEU B 306 5.64 -23.24 -4.41
C LEU B 306 6.26 -24.64 -4.58
N LYS B 307 7.59 -24.69 -4.43
CA LYS B 307 8.39 -25.93 -4.52
C LYS B 307 7.88 -26.92 -3.48
N LEU B 308 7.50 -26.40 -2.33
CA LEU B 308 6.97 -27.20 -1.26
C LEU B 308 5.67 -27.85 -1.72
N ILE B 309 4.76 -27.04 -2.28
CA ILE B 309 3.49 -27.58 -2.74
C ILE B 309 3.70 -28.63 -3.85
N MET B 310 4.62 -28.34 -4.77
CA MET B 310 4.92 -29.28 -5.85
C MET B 310 5.48 -30.60 -5.28
N THR B 311 6.26 -30.48 -4.22
CA THR B 311 6.84 -31.65 -3.55
C THR B 311 5.74 -32.54 -2.97
N VAL B 312 4.78 -31.92 -2.29
CA VAL B 312 3.67 -32.63 -1.69
C VAL B 312 2.77 -33.26 -2.77
N LEU B 313 2.80 -32.69 -3.98
CA LEU B 313 2.01 -33.18 -5.11
C LEU B 313 2.74 -34.18 -6.00
N GLY B 314 4.02 -34.39 -5.75
CA GLY B 314 4.77 -35.31 -6.57
C GLY B 314 5.14 -34.70 -7.92
N ALA B 315 4.91 -33.39 -8.08
CA ALA B 315 5.20 -32.70 -9.32
C ALA B 315 6.66 -32.28 -9.39
N ARG B 316 7.44 -32.97 -10.21
CA ARG B 316 8.85 -32.66 -10.33
C ARG B 316 9.16 -31.39 -11.11
N THR B 317 8.30 -31.05 -12.06
CA THR B 317 8.55 -29.88 -12.90
C THR B 317 7.25 -29.12 -13.13
N ILE B 318 7.35 -27.94 -13.75
CA ILE B 318 6.18 -27.14 -14.07
C ILE B 318 5.28 -27.91 -15.04
N ALA B 319 5.86 -28.62 -15.99
CA ALA B 319 5.06 -29.37 -16.95
C ALA B 319 4.29 -30.46 -16.21
N ASP B 320 4.83 -30.92 -15.09
CA ASP B 320 4.16 -31.94 -14.32
C ASP B 320 3.07 -31.33 -13.50
N LEU B 321 3.28 -30.08 -13.09
CA LEU B 321 2.28 -29.41 -12.28
C LEU B 321 1.08 -29.10 -13.16
N GLN B 322 1.32 -29.04 -14.47
CA GLN B 322 0.26 -28.73 -15.42
C GLN B 322 -0.62 -29.94 -15.72
N LYS B 323 -0.25 -31.10 -15.20
CA LYS B 323 -1.01 -32.34 -15.42
C LYS B 323 -1.47 -32.91 -14.08
N ALA B 324 -1.36 -32.10 -13.04
CA ALA B 324 -1.73 -32.57 -11.70
C ALA B 324 -3.21 -32.81 -11.53
N PRO B 325 -3.58 -34.02 -11.15
CA PRO B 325 -5.02 -34.28 -10.98
C PRO B 325 -5.67 -33.32 -9.99
N LEU B 326 -6.80 -32.76 -10.39
CA LEU B 326 -7.52 -31.86 -9.52
C LEU B 326 -9.01 -31.95 -9.74
N VAL B 327 -9.78 -31.38 -8.83
CA VAL B 327 -11.23 -31.38 -8.96
C VAL B 327 -11.74 -29.94 -8.92
N ILE B 328 -12.53 -29.56 -9.95
CA ILE B 328 -13.14 -28.24 -10.09
C ILE B 328 -14.57 -28.36 -9.53
N LYS B 329 -14.98 -27.40 -8.72
CA LYS B 329 -16.31 -27.44 -8.15
C LYS B 329 -16.93 -26.04 -8.21
N GLY B 330 -18.13 -25.93 -7.66
CA GLY B 330 -18.83 -24.67 -7.58
C GLY B 330 -19.21 -23.93 -8.82
N GLU B 331 -19.08 -22.62 -8.79
CA GLU B 331 -19.42 -21.80 -9.95
C GLU B 331 -18.58 -22.13 -11.16
N THR B 332 -17.27 -22.23 -10.98
CA THR B 332 -16.34 -22.55 -12.07
C THR B 332 -16.79 -23.81 -12.78
N HIS B 333 -17.03 -24.86 -12.00
CA HIS B 333 -17.48 -26.12 -12.56
C HIS B 333 -18.76 -25.95 -13.34
N HIS B 334 -19.66 -25.10 -12.84
CA HIS B 334 -20.91 -24.91 -13.57
C HIS B 334 -20.65 -24.24 -14.93
N TRP B 335 -19.97 -23.10 -14.86
CA TRP B 335 -19.61 -22.32 -16.03
C TRP B 335 -18.98 -23.19 -17.11
N LEU B 336 -17.96 -23.95 -16.74
CA LEU B 336 -17.28 -24.80 -17.71
C LEU B 336 -18.19 -25.87 -18.31
N THR B 337 -19.06 -26.44 -17.49
CA THR B 337 -19.98 -27.48 -17.96
C THR B 337 -20.92 -26.96 -19.02
N GLU B 338 -21.47 -25.76 -18.77
CA GLU B 338 -22.38 -25.13 -19.71
C GLU B 338 -21.66 -24.70 -20.98
N ARG B 339 -20.41 -24.25 -20.82
CA ARG B 339 -19.58 -23.80 -21.94
C ARG B 339 -19.01 -24.96 -22.76
N GLY B 340 -19.32 -26.21 -22.36
CA GLY B 340 -18.82 -27.34 -23.09
C GLY B 340 -17.42 -27.78 -22.71
N VAL B 341 -16.83 -27.20 -21.68
CA VAL B 341 -15.50 -27.62 -21.31
C VAL B 341 -15.54 -28.84 -20.41
N ASN B 342 -14.71 -29.84 -20.71
CA ASN B 342 -14.67 -31.03 -19.88
C ASN B 342 -13.96 -30.75 -18.57
N THR B 343 -14.60 -31.08 -17.44
CA THR B 343 -14.03 -30.87 -16.11
C THR B 343 -13.45 -32.15 -15.51
N SER B 344 -14.03 -33.30 -15.83
CA SER B 344 -13.52 -34.55 -15.28
C SER B 344 -12.13 -34.85 -15.82
N SER B 345 -11.82 -34.37 -17.02
CA SER B 345 -10.49 -34.61 -17.55
C SER B 345 -9.41 -34.10 -16.57
N TYR B 346 -9.71 -33.07 -15.79
CA TYR B 346 -8.74 -32.55 -14.83
C TYR B 346 -8.57 -33.48 -13.64
N SER B 347 -9.56 -34.35 -13.43
CA SER B 347 -9.55 -35.26 -12.31
C SER B 347 -9.01 -36.63 -12.58
N VAL B 348 -9.45 -37.21 -13.70
CA VAL B 348 -9.05 -38.55 -14.05
C VAL B 348 -7.63 -38.65 -14.62
N ARG B 349 -7.08 -37.52 -15.07
CA ARG B 349 -5.73 -37.50 -15.62
C ARG B 349 -4.67 -37.86 -14.57
#